data_5D0N
#
_entry.id   5D0N
#
_cell.length_a   175.342
_cell.length_b   175.342
_cell.length_c   175.342
_cell.angle_alpha   90.00
_cell.angle_beta   90.00
_cell.angle_gamma   90.00
#
_symmetry.space_group_name_H-M   'P 4 3 2'
#
loop_
_entity.id
_entity.type
_entity.pdbx_description
1 polymer 'Pyruvate, phosphate dikinase regulatory protein, chloroplastic'
2 non-polymer 'ADENOSINE MONOPHOSPHATE'
3 non-polymer 'MAGNESIUM ION'
4 water water
#
_entity_poly.entity_id   1
_entity_poly.type   'polypeptide(L)'
_entity_poly.pdbx_seq_one_letter_code
;MHHHHHHSSGVDLGTENLYFQSNAALTRAVESPGQSQSDDAPPPRSGEAASSLAPRASSHLDRWSRSRALRSGHRPALNR
AALSSASVSAPPVIKSPRPEDAAVAVEDGEDDDVCEAERDAAAGKAIYIVSDGTGWTAEHSVNAALGQFENCLADRGCAV
NTHLFSLIDDMDRLIEVIKQAAKEGALVLYTLADPSMAEATKKACDFWGVPCTDVLRPTVEAIASHIGVAPSGIPRSSPS
RNGRLSEDYFQRIDAIDFTIKQDDGALPQNLYRADIVLAGVSRTGKTPLSIYLAQKGYKVANVPIVMGVDLPKSLFEINQ
DKVFGLTINPAILQAIRKTRAKTLGFDGRQSNYAEMDHVRQELVHANQIFAQNPSWPVIAVTGKAIEETAAVILGILHDR
KQKCSMPRISKRY
;
_entity_poly.pdbx_strand_id   A
#
loop_
_chem_comp.id
_chem_comp.type
_chem_comp.name
_chem_comp.formula
AMP non-polymer 'ADENOSINE MONOPHOSPHATE' 'C10 H14 N5 O7 P'
MG non-polymer 'MAGNESIUM ION' 'Mg 2'
#
# COMPACT_ATOMS: atom_id res chain seq x y z
N ASP A 113 -17.01 33.39 9.27
CA ASP A 113 -16.35 32.34 10.11
C ASP A 113 -16.44 30.94 9.45
N VAL A 114 -15.41 30.59 8.66
CA VAL A 114 -15.40 29.35 7.85
C VAL A 114 -13.99 28.74 7.68
N CYS A 115 -13.97 27.48 7.23
CA CYS A 115 -12.77 26.62 7.19
C CYS A 115 -12.16 26.38 5.81
N GLU A 116 -13.01 26.24 4.79
CA GLU A 116 -12.61 25.89 3.42
C GLU A 116 -12.14 27.10 2.61
N ALA A 122 -10.28 29.12 -0.66
CA ALA A 122 -9.56 29.92 -1.64
C ALA A 122 -8.12 29.41 -1.86
N ALA A 123 -7.40 29.16 -0.76
CA ALA A 123 -5.95 28.88 -0.77
C ALA A 123 -5.53 27.58 -1.48
N GLY A 124 -4.81 27.70 -2.60
CA GLY A 124 -4.31 26.55 -3.37
C GLY A 124 -5.33 25.96 -4.34
N LYS A 125 -4.85 25.14 -5.28
CA LYS A 125 -5.75 24.42 -6.21
C LYS A 125 -6.32 23.19 -5.51
N ALA A 126 -7.63 22.98 -5.64
CA ALA A 126 -8.33 21.95 -4.89
C ALA A 126 -8.66 20.74 -5.76
N ILE A 127 -8.80 19.58 -5.11
CA ILE A 127 -9.21 18.33 -5.78
C ILE A 127 -10.19 17.56 -4.93
N TYR A 128 -11.31 17.20 -5.52
CA TYR A 128 -12.35 16.48 -4.81
C TYR A 128 -12.25 15.02 -5.17
N ILE A 129 -12.23 14.17 -4.16
CA ILE A 129 -12.18 12.74 -4.36
C ILE A 129 -13.51 12.23 -3.90
N VAL A 130 -14.21 11.52 -4.77
CA VAL A 130 -15.62 11.29 -4.53
C VAL A 130 -15.97 9.87 -4.87
N SER A 131 -16.47 9.14 -3.89
CA SER A 131 -16.80 7.76 -4.10
C SER A 131 -18.09 7.38 -3.43
N ASP A 132 -18.82 6.46 -4.06
CA ASP A 132 -19.96 5.83 -3.42
C ASP A 132 -19.56 4.90 -2.28
N GLY A 133 -18.29 4.50 -2.23
CA GLY A 133 -17.73 3.74 -1.10
C GLY A 133 -16.82 4.56 -0.18
N THR A 134 -15.59 4.11 -0.01
CA THR A 134 -14.66 4.64 1.00
C THR A 134 -13.83 5.87 0.59
N GLY A 135 -13.59 5.99 -0.71
CA GLY A 135 -12.71 6.99 -1.27
C GLY A 135 -11.26 6.61 -1.38
N TRP A 136 -10.89 5.38 -0.99
CA TRP A 136 -9.45 5.05 -0.83
C TRP A 136 -8.73 4.76 -2.16
N THR A 137 -9.38 3.96 -3.02
CA THR A 137 -8.86 3.63 -4.36
C THR A 137 -8.46 4.87 -5.13
N ALA A 138 -9.36 5.84 -5.09
CA ALA A 138 -9.16 7.13 -5.72
C ALA A 138 -8.01 7.90 -5.05
N GLU A 139 -8.05 7.96 -3.72
CA GLU A 139 -7.02 8.67 -2.96
C GLU A 139 -5.66 8.07 -3.24
N HIS A 140 -5.63 6.77 -3.47
CA HIS A 140 -4.42 6.07 -3.84
C HIS A 140 -3.95 6.56 -5.18
N SER A 141 -4.82 6.46 -6.18
CA SER A 141 -4.50 6.90 -7.53
C SER A 141 -4.08 8.36 -7.59
N VAL A 142 -4.72 9.19 -6.76
CA VAL A 142 -4.36 10.59 -6.70
C VAL A 142 -2.97 10.73 -6.13
N ASN A 143 -2.73 10.10 -4.98
CA ASN A 143 -1.41 10.08 -4.33
C ASN A 143 -0.27 9.74 -5.28
N ALA A 144 -0.49 8.70 -6.08
CA ALA A 144 0.47 8.24 -7.08
C ALA A 144 0.66 9.28 -8.18
N ALA A 145 -0.47 9.73 -8.72
CA ALA A 145 -0.50 10.76 -9.76
C ALA A 145 0.30 11.97 -9.37
N LEU A 146 0.06 12.44 -8.14
CA LEU A 146 0.76 13.60 -7.62
C LEU A 146 2.27 13.48 -7.72
N GLY A 147 2.79 12.26 -7.68
CA GLY A 147 4.20 11.97 -7.97
C GLY A 147 4.80 12.63 -9.20
N GLN A 148 4.01 12.76 -10.26
CA GLN A 148 4.47 13.42 -11.48
C GLN A 148 4.77 14.91 -11.31
N PHE A 149 4.32 15.50 -10.20
CA PHE A 149 4.58 16.89 -9.89
C PHE A 149 5.34 17.01 -8.56
N GLU A 150 6.24 16.06 -8.30
CA GLU A 150 7.16 16.12 -7.15
C GLU A 150 7.83 17.50 -7.04
N ASN A 151 8.48 17.90 -8.12
CA ASN A 151 9.33 19.09 -8.14
C ASN A 151 8.54 20.39 -8.10
N CYS A 152 7.36 20.36 -8.74
CA CYS A 152 6.38 21.44 -8.61
C CYS A 152 6.03 21.69 -7.14
N LEU A 153 5.54 20.62 -6.48
CA LEU A 153 5.10 20.68 -5.09
C LEU A 153 6.21 20.90 -4.09
N ALA A 154 7.42 20.45 -4.43
CA ALA A 154 8.60 20.56 -3.57
C ALA A 154 8.80 21.99 -3.08
N ASP A 155 8.94 22.91 -4.03
CA ASP A 155 9.21 24.32 -3.73
C ASP A 155 7.94 25.20 -3.61
N ARG A 156 6.79 24.57 -3.35
CA ARG A 156 5.47 25.22 -3.46
C ARG A 156 5.26 25.97 -4.80
N GLY A 157 5.84 25.45 -5.89
CA GLY A 157 5.59 25.97 -7.22
C GLY A 157 4.11 25.85 -7.53
N CYS A 158 3.53 24.71 -7.15
CA CYS A 158 2.08 24.55 -7.01
C CYS A 158 1.78 24.07 -5.58
N ALA A 159 0.50 23.95 -5.27
CA ALA A 159 0.06 23.38 -3.99
C ALA A 159 -1.38 22.91 -4.14
N VAL A 160 -1.69 21.79 -3.49
CA VAL A 160 -2.93 21.06 -3.72
C VAL A 160 -3.63 20.76 -2.41
N ASN A 161 -4.96 20.65 -2.46
CA ASN A 161 -5.79 20.21 -1.35
C ASN A 161 -6.65 19.08 -1.84
N THR A 162 -6.59 17.94 -1.16
CA THR A 162 -7.47 16.83 -1.51
C THR A 162 -8.61 16.81 -0.52
N HIS A 163 -9.83 16.65 -1.02
CA HIS A 163 -11.03 16.63 -0.19
C HIS A 163 -11.77 15.34 -0.51
N LEU A 164 -11.98 14.53 0.52
CA LEU A 164 -12.42 13.16 0.30
C LEU A 164 -13.83 12.95 0.79
N PHE A 165 -14.71 12.54 -0.13
CA PHE A 165 -16.12 12.40 0.16
C PHE A 165 -16.49 10.95 0.02
N SER A 166 -16.60 10.27 1.15
CA SER A 166 -16.99 8.87 1.15
C SER A 166 -18.52 8.79 1.06
N LEU A 167 -19.02 7.59 0.75
CA LEU A 167 -20.44 7.24 0.86
C LEU A 167 -21.46 8.11 0.08
N ILE A 168 -21.06 8.57 -1.10
CA ILE A 168 -21.90 9.40 -1.96
C ILE A 168 -22.79 8.48 -2.82
N ASP A 169 -23.77 7.86 -2.17
CA ASP A 169 -24.55 6.77 -2.80
C ASP A 169 -25.93 7.18 -3.37
N ASP A 170 -26.28 8.47 -3.31
CA ASP A 170 -27.56 8.99 -3.85
C ASP A 170 -27.39 10.32 -4.59
N MET A 171 -28.46 10.72 -5.27
CA MET A 171 -28.41 11.84 -6.21
C MET A 171 -28.26 13.20 -5.51
N ASP A 172 -29.11 13.44 -4.52
CA ASP A 172 -29.15 14.73 -3.81
C ASP A 172 -27.78 15.09 -3.25
N ARG A 173 -27.21 14.11 -2.54
CA ARG A 173 -25.91 14.25 -1.90
C ARG A 173 -24.84 14.45 -2.96
N LEU A 174 -24.93 13.70 -4.06
CA LEU A 174 -24.03 13.87 -5.22
C LEU A 174 -24.02 15.32 -5.72
N ILE A 175 -25.22 15.84 -5.98
CA ILE A 175 -25.41 17.15 -6.60
C ILE A 175 -24.85 18.28 -5.72
N GLU A 176 -25.05 18.12 -4.41
CA GLU A 176 -24.52 19.05 -3.43
C GLU A 176 -22.99 19.13 -3.45
N VAL A 177 -22.35 17.98 -3.62
CA VAL A 177 -20.87 17.91 -3.59
C VAL A 177 -20.29 18.71 -4.74
N ILE A 178 -20.90 18.55 -5.90
CA ILE A 178 -20.39 19.17 -7.13
C ILE A 178 -20.64 20.67 -7.05
N LYS A 179 -21.87 21.03 -6.68
CA LYS A 179 -22.23 22.40 -6.34
C LYS A 179 -21.11 23.04 -5.49
N GLN A 180 -20.74 22.33 -4.42
CA GLN A 180 -19.66 22.75 -3.50
C GLN A 180 -18.32 22.84 -4.24
N ALA A 181 -18.03 21.80 -5.03
CA ALA A 181 -16.79 21.72 -5.81
C ALA A 181 -16.64 22.91 -6.71
N ALA A 182 -17.74 23.26 -7.39
CA ALA A 182 -17.81 24.46 -8.21
C ALA A 182 -17.59 25.70 -7.37
N LYS A 183 -18.36 25.82 -6.28
CA LYS A 183 -18.19 26.92 -5.31
C LYS A 183 -16.73 27.09 -4.89
N GLU A 184 -16.04 25.96 -4.69
CA GLU A 184 -14.63 25.95 -4.28
C GLU A 184 -13.65 26.03 -5.45
N GLY A 185 -14.09 25.63 -6.64
CA GLY A 185 -13.27 25.69 -7.85
C GLY A 185 -12.28 24.55 -7.91
N ALA A 186 -12.81 23.33 -8.09
CA ALA A 186 -12.05 22.11 -7.81
C ALA A 186 -12.34 20.99 -8.80
N LEU A 187 -11.27 20.26 -9.16
CA LEU A 187 -11.36 19.11 -10.05
C LEU A 187 -11.99 17.93 -9.30
N VAL A 188 -12.91 17.22 -9.97
CA VAL A 188 -13.58 16.07 -9.36
C VAL A 188 -13.14 14.75 -10.02
N LEU A 189 -12.38 13.98 -9.25
CA LEU A 189 -11.95 12.65 -9.62
C LEU A 189 -12.89 11.76 -8.85
N TYR A 190 -13.44 10.73 -9.48
CA TYR A 190 -14.52 9.98 -8.83
C TYR A 190 -14.62 8.52 -9.18
N THR A 191 -15.36 7.78 -8.36
CA THR A 191 -15.56 6.34 -8.57
C THR A 191 -17.00 5.99 -8.19
N LEU A 192 -17.78 5.55 -9.17
CA LEU A 192 -19.21 5.32 -8.94
C LEU A 192 -19.70 4.12 -9.74
N ALA A 193 -20.17 3.11 -9.02
CA ALA A 193 -20.57 1.83 -9.64
C ALA A 193 -21.80 1.96 -10.52
N ASP A 194 -22.80 2.69 -10.05
CA ASP A 194 -24.04 2.94 -10.80
C ASP A 194 -23.78 3.85 -12.01
N PRO A 195 -24.13 3.38 -13.24
CA PRO A 195 -23.79 4.15 -14.46
C PRO A 195 -24.48 5.52 -14.50
N SER A 196 -25.73 5.57 -14.01
CA SER A 196 -26.53 6.79 -13.95
C SER A 196 -25.85 7.89 -13.14
N MET A 197 -25.28 7.48 -12.01
CA MET A 197 -24.51 8.37 -11.13
C MET A 197 -23.28 8.94 -11.83
N ALA A 198 -22.63 8.10 -12.64
CA ALA A 198 -21.49 8.55 -13.44
C ALA A 198 -21.93 9.56 -14.49
N GLU A 199 -23.02 9.25 -15.21
CA GLU A 199 -23.60 10.16 -16.19
C GLU A 199 -23.89 11.51 -15.51
N ALA A 200 -24.69 11.43 -14.45
CA ALA A 200 -25.10 12.58 -13.64
C ALA A 200 -23.92 13.44 -13.20
N THR A 201 -22.86 12.77 -12.78
CA THR A 201 -21.66 13.45 -12.33
C THR A 201 -21.04 14.29 -13.45
N LYS A 202 -20.92 13.70 -14.63
CA LYS A 202 -20.32 14.41 -15.76
C LYS A 202 -21.24 15.52 -16.28
N LYS A 203 -22.54 15.24 -16.35
CA LYS A 203 -23.53 16.24 -16.74
C LYS A 203 -23.55 17.44 -15.81
N ALA A 204 -23.65 17.16 -14.51
CA ALA A 204 -23.65 18.20 -13.49
C ALA A 204 -22.31 18.92 -13.38
N CYS A 205 -21.22 18.24 -13.72
CA CYS A 205 -19.91 18.89 -13.81
C CYS A 205 -19.88 19.88 -14.97
N ASP A 206 -20.42 19.43 -16.11
CA ASP A 206 -20.63 20.26 -17.32
C ASP A 206 -21.51 21.48 -17.00
N PHE A 207 -22.68 21.22 -16.40
CA PHE A 207 -23.64 22.27 -16.00
C PHE A 207 -23.05 23.33 -15.04
N TRP A 208 -22.25 22.90 -14.09
CA TRP A 208 -21.57 23.82 -13.17
C TRP A 208 -20.23 24.28 -13.74
N GLY A 209 -19.79 23.64 -14.82
CA GLY A 209 -18.62 24.05 -15.56
C GLY A 209 -17.40 23.81 -14.71
N VAL A 210 -17.17 22.53 -14.39
CA VAL A 210 -16.08 22.13 -13.48
C VAL A 210 -15.39 20.85 -14.01
N PRO A 211 -14.02 20.82 -13.98
CA PRO A 211 -13.34 19.66 -14.61
C PRO A 211 -13.58 18.38 -13.82
N CYS A 212 -13.65 17.26 -14.52
CA CYS A 212 -13.88 15.98 -13.86
C CYS A 212 -13.28 14.81 -14.64
N THR A 213 -13.20 13.65 -13.99
CA THR A 213 -12.73 12.42 -14.66
C THR A 213 -12.92 11.15 -13.79
N ASP A 214 -13.63 10.17 -14.36
CA ASP A 214 -13.98 8.90 -13.72
C ASP A 214 -12.76 8.01 -13.68
N VAL A 215 -12.13 7.86 -12.51
CA VAL A 215 -10.80 7.24 -12.43
C VAL A 215 -10.77 5.72 -12.58
N LEU A 216 -11.89 5.00 -12.51
CA LEU A 216 -11.78 3.56 -12.78
C LEU A 216 -12.85 2.83 -13.59
N ARG A 217 -13.82 3.53 -14.20
CA ARG A 217 -14.64 2.84 -15.21
C ARG A 217 -13.79 2.29 -16.40
N PRO A 218 -12.76 3.06 -16.87
CA PRO A 218 -11.88 2.47 -17.89
C PRO A 218 -11.42 1.06 -17.53
N THR A 219 -10.93 0.95 -16.31
CA THR A 219 -10.43 -0.27 -15.74
C THR A 219 -11.54 -1.30 -15.55
N VAL A 220 -12.72 -0.85 -15.09
CA VAL A 220 -13.86 -1.75 -14.92
C VAL A 220 -14.29 -2.35 -16.26
N GLU A 221 -14.28 -1.53 -17.31
CA GLU A 221 -14.80 -1.96 -18.62
C GLU A 221 -13.83 -2.89 -19.35
N ALA A 222 -12.53 -2.58 -19.28
CA ALA A 222 -11.51 -3.47 -19.84
C ALA A 222 -11.64 -4.88 -19.26
N ILE A 223 -11.78 -4.94 -17.94
CA ILE A 223 -11.97 -6.20 -17.24
C ILE A 223 -13.27 -6.88 -17.70
N ALA A 224 -14.32 -6.07 -17.90
CA ALA A 224 -15.65 -6.56 -18.30
C ALA A 224 -15.68 -7.22 -19.69
N SER A 225 -14.97 -6.62 -20.65
CA SER A 225 -14.83 -7.22 -21.98
C SER A 225 -13.93 -8.45 -21.93
N HIS A 226 -12.76 -8.32 -21.30
CA HIS A 226 -11.79 -9.40 -21.19
C HIS A 226 -12.36 -10.64 -20.48
N ILE A 227 -13.09 -10.43 -19.39
CA ILE A 227 -13.78 -11.53 -18.69
C ILE A 227 -15.05 -11.94 -19.47
N GLY A 228 -15.63 -10.97 -20.20
CA GLY A 228 -16.84 -11.19 -20.97
C GLY A 228 -18.07 -11.23 -20.10
N VAL A 229 -18.15 -10.31 -19.14
CA VAL A 229 -19.31 -10.17 -18.25
C VAL A 229 -19.51 -8.68 -17.94
N ALA A 230 -20.76 -8.26 -17.87
CA ALA A 230 -21.09 -6.86 -17.66
C ALA A 230 -21.01 -6.53 -16.17
N PRO A 231 -20.53 -5.31 -15.85
CA PRO A 231 -20.41 -4.94 -14.43
C PRO A 231 -21.76 -4.90 -13.72
N SER A 232 -21.77 -5.29 -12.45
CA SER A 232 -23.01 -5.28 -11.63
C SER A 232 -23.61 -3.90 -11.45
N GLY A 233 -22.80 -2.84 -11.55
CA GLY A 233 -23.28 -1.46 -11.41
C GLY A 233 -23.70 -1.10 -9.99
N ILE A 234 -23.40 -1.99 -9.03
CA ILE A 234 -23.81 -1.87 -7.64
C ILE A 234 -22.55 -1.54 -6.85
N PRO A 235 -22.58 -0.47 -6.02
CA PRO A 235 -21.43 -0.28 -5.12
C PRO A 235 -21.36 -1.25 -3.93
N ARG A 236 -20.21 -1.28 -3.28
CA ARG A 236 -20.03 -1.96 -1.97
C ARG A 236 -21.03 -1.51 -0.89
N SER A 237 -21.42 -0.24 -0.94
CA SER A 237 -22.31 0.40 0.02
C SER A 237 -23.69 -0.23 0.11
N SER A 238 -24.28 -0.59 -1.02
CA SER A 238 -25.70 -0.96 -1.08
C SER A 238 -26.03 -2.22 -0.25
N PRO A 239 -27.31 -2.43 0.09
CA PRO A 239 -27.70 -3.58 0.89
C PRO A 239 -27.45 -4.98 0.27
N SER A 240 -27.47 -5.09 -1.05
CA SER A 240 -27.33 -6.40 -1.72
C SER A 240 -25.89 -6.96 -1.70
N ARG A 241 -25.79 -8.29 -1.61
CA ARG A 241 -24.51 -9.04 -1.64
C ARG A 241 -23.49 -8.78 -0.50
N ASN A 242 -23.81 -7.87 0.44
CA ASN A 242 -22.83 -7.36 1.42
C ASN A 242 -22.66 -8.24 2.67
N GLY A 243 -21.59 -7.99 3.41
CA GLY A 243 -21.10 -8.94 4.42
C GLY A 243 -20.39 -10.13 3.80
N ARG A 244 -20.09 -10.07 2.49
CA ARG A 244 -19.48 -11.16 1.74
C ARG A 244 -17.96 -10.96 1.74
N LEU A 245 -17.35 -11.05 2.92
CA LEU A 245 -15.91 -10.85 3.08
C LEU A 245 -15.17 -12.13 2.73
N SER A 246 -14.14 -12.01 1.90
CA SER A 246 -13.48 -13.15 1.27
C SER A 246 -12.63 -13.98 2.24
N GLU A 247 -12.02 -15.04 1.72
CA GLU A 247 -11.06 -15.83 2.45
C GLU A 247 -9.66 -15.19 2.42
N ASP A 248 -9.37 -14.47 1.33
CA ASP A 248 -8.17 -13.62 1.25
C ASP A 248 -8.14 -12.64 2.43
N TYR A 249 -9.24 -11.94 2.66
CA TYR A 249 -9.35 -10.95 3.75
C TYR A 249 -9.13 -11.58 5.13
N PHE A 250 -9.83 -12.67 5.44
CA PHE A 250 -9.66 -13.29 6.75
C PHE A 250 -8.28 -13.90 6.99
N GLN A 251 -7.56 -14.22 5.92
CA GLN A 251 -6.15 -14.63 6.02
C GLN A 251 -5.29 -13.46 6.50
N ARG A 252 -5.42 -12.31 5.84
CA ARG A 252 -4.71 -11.06 6.20
C ARG A 252 -4.89 -10.67 7.65
N ILE A 253 -5.97 -11.11 8.29
CA ILE A 253 -6.21 -10.83 9.70
C ILE A 253 -5.29 -11.66 10.57
N ASP A 254 -5.15 -12.94 10.25
CA ASP A 254 -4.30 -13.85 11.03
C ASP A 254 -2.83 -13.49 10.87
N ALA A 255 -2.47 -13.05 9.67
CA ALA A 255 -1.17 -12.45 9.39
C ALA A 255 -0.93 -11.26 10.29
N ILE A 256 -1.84 -10.30 10.23
CA ILE A 256 -1.77 -9.07 11.03
C ILE A 256 -1.62 -9.46 12.50
N ASP A 257 -2.43 -10.42 12.92
CA ASP A 257 -2.39 -10.90 14.29
C ASP A 257 -1.01 -11.44 14.62
N PHE A 258 -0.56 -12.42 13.84
CA PHE A 258 0.75 -13.05 14.02
C PHE A 258 1.88 -12.05 14.17
N THR A 259 1.90 -11.07 13.27
CA THR A 259 3.01 -10.15 13.14
C THR A 259 3.13 -9.17 14.31
N ILE A 260 2.01 -8.62 14.81
CA ILE A 260 2.05 -7.72 15.99
C ILE A 260 2.17 -8.50 17.30
N LYS A 261 1.45 -9.61 17.42
CA LYS A 261 1.50 -10.47 18.61
C LYS A 261 2.80 -11.26 18.57
N GLN A 262 3.88 -10.59 18.92
CA GLN A 262 5.21 -11.11 18.65
C GLN A 262 6.21 -10.53 19.64
N ASP A 263 6.45 -11.31 20.70
CA ASP A 263 7.58 -11.06 21.61
C ASP A 263 8.86 -11.73 21.08
N ASP A 264 10.00 -11.31 21.63
CA ASP A 264 11.30 -11.93 21.35
C ASP A 264 11.56 -13.15 22.25
N GLY A 265 10.77 -13.28 23.33
CA GLY A 265 10.82 -14.47 24.18
C GLY A 265 10.51 -15.76 23.44
N ALA A 266 9.47 -15.72 22.60
CA ALA A 266 9.01 -16.88 21.82
C ALA A 266 9.37 -16.72 20.33
N LEU A 267 10.63 -16.40 20.05
CA LEU A 267 11.08 -16.14 18.68
C LEU A 267 11.28 -17.42 17.84
N PRO A 268 12.15 -18.36 18.26
CA PRO A 268 12.37 -19.58 17.49
C PRO A 268 11.15 -20.19 16.80
N GLN A 269 10.20 -20.74 17.55
CA GLN A 269 8.89 -21.15 17.03
C GLN A 269 8.31 -20.29 15.89
N ASN A 270 8.39 -18.97 16.04
CA ASN A 270 7.82 -18.07 15.03
C ASN A 270 8.57 -18.10 13.71
N LEU A 271 9.89 -18.24 13.79
CA LEU A 271 10.72 -18.27 12.59
C LEU A 271 10.30 -19.42 11.68
N TYR A 272 9.91 -20.54 12.26
CA TYR A 272 9.39 -21.66 11.48
C TYR A 272 8.03 -21.35 10.84
N ARG A 273 7.13 -20.71 11.61
CA ARG A 273 5.78 -20.34 11.14
C ARG A 273 5.77 -19.20 10.10
N ALA A 274 6.62 -18.20 10.33
CA ALA A 274 6.66 -16.99 9.52
C ALA A 274 6.88 -17.26 8.03
N ASP A 275 6.17 -16.52 7.18
CA ASP A 275 6.35 -16.60 5.75
C ASP A 275 7.53 -15.80 5.30
N ILE A 276 7.76 -14.67 5.97
CA ILE A 276 8.89 -13.81 5.68
C ILE A 276 9.61 -13.52 6.98
N VAL A 277 10.92 -13.34 6.92
CA VAL A 277 11.71 -13.03 8.08
C VAL A 277 12.60 -11.88 7.71
N LEU A 278 12.46 -10.79 8.44
CA LEU A 278 13.29 -9.62 8.23
C LEU A 278 14.38 -9.70 9.25
N ALA A 279 15.61 -9.43 8.80
CA ALA A 279 16.78 -9.43 9.64
C ALA A 279 17.52 -8.15 9.33
N GLY A 280 17.86 -7.37 10.33
CA GLY A 280 18.58 -6.13 10.08
C GLY A 280 18.79 -5.37 11.35
N VAL A 281 19.56 -4.28 11.27
CA VAL A 281 19.83 -3.51 12.47
C VAL A 281 18.57 -2.70 12.78
N SER A 282 18.61 -1.98 13.90
CA SER A 282 17.45 -1.24 14.41
C SER A 282 16.85 -0.27 13.39
N ARG A 283 17.71 0.57 12.82
CA ARG A 283 17.28 1.68 11.97
C ARG A 283 16.73 1.30 10.59
N THR A 284 16.72 0.01 10.24
CA THR A 284 15.94 -0.47 9.10
C THR A 284 14.48 -0.39 9.47
N GLY A 285 13.58 -0.43 8.50
CA GLY A 285 12.19 -0.15 8.80
C GLY A 285 11.38 -1.36 9.20
N LYS A 286 11.87 -2.15 10.14
CA LYS A 286 11.36 -3.53 10.28
C LYS A 286 9.92 -3.59 10.68
N THR A 287 9.52 -2.70 11.58
CA THR A 287 8.18 -2.74 12.16
C THR A 287 7.12 -2.29 11.18
N PRO A 288 7.30 -1.09 10.58
CA PRO A 288 6.33 -0.69 9.55
C PRO A 288 6.20 -1.68 8.44
N LEU A 289 7.34 -2.16 7.97
CA LEU A 289 7.41 -3.05 6.83
C LEU A 289 6.75 -4.37 7.14
N SER A 290 7.08 -4.92 8.30
CA SER A 290 6.48 -6.19 8.73
C SER A 290 4.98 -6.06 8.76
N ILE A 291 4.50 -4.95 9.31
CA ILE A 291 3.06 -4.67 9.35
C ILE A 291 2.47 -4.52 7.93
N TYR A 292 3.15 -3.78 7.07
CA TYR A 292 2.68 -3.62 5.69
C TYR A 292 2.52 -4.96 4.97
N LEU A 293 3.52 -5.82 5.10
CA LEU A 293 3.49 -7.15 4.51
C LEU A 293 2.40 -8.01 5.13
N ALA A 294 2.21 -7.86 6.44
CA ALA A 294 1.17 -8.62 7.14
C ALA A 294 -0.19 -8.30 6.54
N GLN A 295 -0.43 -7.03 6.26
CA GLN A 295 -1.69 -6.65 5.60
C GLN A 295 -1.87 -7.29 4.23
N LYS A 296 -0.77 -7.52 3.51
CA LYS A 296 -0.81 -8.19 2.21
C LYS A 296 -1.06 -9.70 2.30
N GLY A 297 -0.94 -10.29 3.48
CA GLY A 297 -1.23 -11.71 3.69
C GLY A 297 -0.13 -12.55 4.33
N TYR A 298 1.03 -11.95 4.60
CA TYR A 298 2.22 -12.70 5.03
C TYR A 298 2.53 -12.59 6.53
N LYS A 299 2.67 -13.72 7.21
CA LYS A 299 3.11 -13.77 8.61
C LYS A 299 4.59 -13.38 8.61
N VAL A 300 4.95 -12.25 9.21
CA VAL A 300 6.36 -11.77 9.20
C VAL A 300 7.01 -11.83 10.57
N ALA A 301 8.29 -12.15 10.62
CA ALA A 301 9.04 -12.26 11.87
C ALA A 301 10.27 -11.38 11.80
N ASN A 302 10.48 -10.55 12.80
CA ASN A 302 11.59 -9.61 12.78
C ASN A 302 12.68 -10.05 13.70
N VAL A 303 13.91 -9.97 13.21
CA VAL A 303 15.06 -10.38 13.96
C VAL A 303 16.05 -9.25 13.96
N PRO A 304 16.22 -8.59 15.09
CA PRO A 304 17.14 -7.48 15.11
C PRO A 304 18.56 -7.96 15.27
N ILE A 305 19.46 -7.28 14.55
CA ILE A 305 20.88 -7.51 14.63
C ILE A 305 21.47 -6.43 15.52
N VAL A 306 21.98 -6.88 16.66
CA VAL A 306 22.65 -6.02 17.64
C VAL A 306 24.07 -6.50 17.91
N MET A 307 25.00 -5.55 17.95
CA MET A 307 26.35 -5.79 18.43
C MET A 307 26.25 -6.40 19.83
N GLY A 308 26.76 -7.61 19.97
CA GLY A 308 26.91 -8.23 21.28
C GLY A 308 25.77 -9.10 21.75
N VAL A 309 24.77 -9.35 20.90
CA VAL A 309 23.76 -10.38 21.19
C VAL A 309 23.80 -11.40 20.07
N ASP A 310 23.67 -12.67 20.44
CA ASP A 310 23.72 -13.76 19.47
C ASP A 310 22.38 -13.89 18.81
N LEU A 311 22.37 -14.23 17.52
CA LEU A 311 21.12 -14.48 16.83
C LEU A 311 20.64 -15.86 17.19
N PRO A 312 19.31 -16.07 17.18
CA PRO A 312 18.79 -17.40 17.49
C PRO A 312 19.26 -18.43 16.48
N LYS A 313 19.68 -19.60 16.96
CA LYS A 313 20.21 -20.62 16.05
C LYS A 313 19.15 -21.12 15.07
N SER A 314 17.88 -21.07 15.49
CA SER A 314 16.72 -21.36 14.64
C SER A 314 16.59 -20.45 13.40
N LEU A 315 17.23 -19.29 13.39
CA LEU A 315 17.28 -18.42 12.22
C LEU A 315 17.93 -19.12 11.05
N PHE A 316 18.91 -19.95 11.38
CA PHE A 316 19.72 -20.65 10.40
C PHE A 316 19.23 -22.06 10.12
N GLU A 317 18.35 -22.58 10.96
CA GLU A 317 17.79 -23.90 10.76
C GLU A 317 16.49 -23.86 9.96
N ILE A 318 15.85 -22.70 9.88
CA ILE A 318 14.61 -22.58 9.09
C ILE A 318 14.96 -22.46 7.63
N ASN A 319 13.95 -22.62 6.78
CA ASN A 319 14.12 -22.41 5.37
C ASN A 319 14.82 -21.09 5.14
N GLN A 320 15.90 -21.12 4.38
CA GLN A 320 16.83 -19.99 4.25
C GLN A 320 16.44 -19.05 3.10
N ASP A 321 15.65 -19.58 2.15
CA ASP A 321 14.80 -18.76 1.31
C ASP A 321 13.80 -18.25 2.29
N LYS A 322 13.48 -16.97 2.28
CA LYS A 322 12.50 -16.32 3.22
C LYS A 322 13.14 -15.45 4.28
N VAL A 323 14.43 -15.60 4.52
CA VAL A 323 15.16 -14.59 5.25
C VAL A 323 15.63 -13.51 4.31
N PHE A 324 15.36 -12.26 4.68
CA PHE A 324 15.76 -11.09 3.93
C PHE A 324 16.51 -10.17 4.84
N GLY A 325 17.73 -9.83 4.45
CA GLY A 325 18.51 -8.84 5.13
C GLY A 325 18.05 -7.46 4.73
N LEU A 326 18.12 -6.54 5.68
CA LEU A 326 17.83 -5.15 5.44
C LEU A 326 19.03 -4.37 5.93
N THR A 327 19.34 -3.29 5.23
CA THR A 327 20.50 -2.50 5.57
C THR A 327 20.31 -1.05 5.22
N ILE A 328 20.96 -0.19 5.99
CA ILE A 328 20.94 1.24 5.78
C ILE A 328 22.24 1.60 5.08
N ASN A 329 22.17 2.49 4.10
CA ASN A 329 23.36 3.19 3.62
C ASN A 329 23.53 4.40 4.56
N PRO A 330 24.68 4.48 5.28
CA PRO A 330 24.86 5.59 6.22
C PRO A 330 25.14 6.94 5.55
N ALA A 331 25.57 6.91 4.29
CA ALA A 331 25.70 8.11 3.45
C ALA A 331 24.36 8.85 3.23
N ILE A 332 23.25 8.16 3.49
CA ILE A 332 21.90 8.75 3.51
C ILE A 332 21.48 9.17 2.10
N GLU A 355 31.69 9.25 17.49
CA GLU A 355 30.34 9.73 17.76
C GLU A 355 29.29 8.65 17.31
N MET A 356 28.52 8.90 16.25
CA MET A 356 27.50 7.94 15.75
C MET A 356 28.07 6.98 14.68
N ASP A 357 29.40 6.83 14.62
CA ASP A 357 30.03 5.79 13.81
C ASP A 357 29.99 4.41 14.52
N HIS A 358 29.43 4.34 15.72
CA HIS A 358 28.94 3.06 16.24
C HIS A 358 27.98 2.43 15.21
N VAL A 359 27.16 3.25 14.58
CA VAL A 359 26.26 2.77 13.51
C VAL A 359 27.07 2.15 12.36
N ARG A 360 28.21 2.77 12.02
CA ARG A 360 29.19 2.17 11.11
C ARG A 360 29.60 0.79 11.61
N GLN A 361 29.96 0.71 12.88
CA GLN A 361 30.28 -0.56 13.55
C GLN A 361 29.18 -1.61 13.38
N GLU A 362 27.94 -1.21 13.65
CA GLU A 362 26.79 -2.11 13.54
C GLU A 362 26.61 -2.59 12.13
N LEU A 363 26.63 -1.65 11.18
CA LEU A 363 26.43 -1.98 9.76
C LEU A 363 27.53 -2.91 9.25
N VAL A 364 28.75 -2.72 9.72
CA VAL A 364 29.85 -3.66 9.44
C VAL A 364 29.49 -5.07 9.95
N HIS A 365 29.27 -5.16 11.26
CA HIS A 365 28.87 -6.42 11.91
C HIS A 365 27.73 -7.09 11.15
N ALA A 366 26.69 -6.31 10.84
CA ALA A 366 25.56 -6.81 10.08
C ALA A 366 25.97 -7.47 8.76
N ASN A 367 26.78 -6.77 7.99
CA ASN A 367 27.20 -7.27 6.67
C ASN A 367 28.00 -8.55 6.74
N GLN A 368 28.75 -8.72 7.81
CA GLN A 368 29.43 -9.99 8.06
C GLN A 368 28.43 -11.13 8.22
N ILE A 369 27.36 -10.89 8.99
CA ILE A 369 26.30 -11.90 9.15
C ILE A 369 25.72 -12.25 7.79
N PHE A 370 25.49 -11.20 7.00
CA PHE A 370 24.95 -11.34 5.66
C PHE A 370 25.91 -12.06 4.73
N ALA A 371 27.21 -11.85 4.93
CA ALA A 371 28.23 -12.57 4.16
C ALA A 371 28.15 -14.04 4.49
N GLN A 372 28.34 -14.38 5.77
CA GLN A 372 28.10 -15.74 6.28
C GLN A 372 26.87 -16.41 5.68
N ASN A 373 25.87 -15.61 5.30
CA ASN A 373 24.66 -16.11 4.69
C ASN A 373 24.42 -15.54 3.29
N PRO A 374 25.08 -16.14 2.28
CA PRO A 374 25.00 -15.61 0.93
C PRO A 374 23.61 -15.66 0.29
N SER A 375 22.82 -16.68 0.63
CA SER A 375 21.49 -16.82 -0.01
C SER A 375 20.45 -15.75 0.42
N TRP A 376 20.71 -15.06 1.52
CA TRP A 376 19.83 -13.96 1.92
C TRP A 376 20.03 -12.76 1.01
N PRO A 377 18.95 -12.30 0.34
CA PRO A 377 18.99 -11.01 -0.33
C PRO A 377 19.23 -9.92 0.68
N VAL A 378 19.89 -8.84 0.29
CA VAL A 378 20.17 -7.77 1.23
C VAL A 378 19.77 -6.45 0.62
N ILE A 379 18.63 -5.93 1.10
CA ILE A 379 17.99 -4.79 0.51
C ILE A 379 18.43 -3.53 1.21
N ALA A 380 18.98 -2.60 0.44
CA ALA A 380 19.34 -1.30 0.97
C ALA A 380 18.05 -0.54 1.09
N VAL A 381 17.84 0.03 2.25
CA VAL A 381 16.50 0.41 2.68
C VAL A 381 16.30 1.92 2.85
N THR A 382 17.37 2.67 3.15
CA THR A 382 17.26 4.10 3.42
C THR A 382 16.75 4.85 2.21
N GLY A 383 15.93 5.86 2.47
CA GLY A 383 15.30 6.66 1.41
C GLY A 383 14.42 5.88 0.44
N LYS A 384 13.89 4.74 0.86
CA LYS A 384 12.93 3.96 0.09
C LYS A 384 11.67 3.81 0.93
N ALA A 385 10.50 3.89 0.28
CA ALA A 385 9.24 3.69 0.97
C ALA A 385 9.07 2.23 1.33
N ILE A 386 8.29 1.99 2.37
CA ILE A 386 7.93 0.64 2.79
C ILE A 386 7.38 -0.15 1.61
N GLU A 387 6.36 0.43 0.97
CA GLU A 387 5.71 -0.21 -0.16
C GLU A 387 6.65 -0.60 -1.31
N GLU A 388 7.72 0.19 -1.52
CA GLU A 388 8.77 -0.15 -2.49
C GLU A 388 9.52 -1.42 -2.05
N THR A 389 10.17 -1.32 -0.89
CA THR A 389 10.87 -2.43 -0.28
C THR A 389 10.01 -3.69 -0.23
N ALA A 390 8.74 -3.54 0.13
CA ALA A 390 7.82 -4.66 0.21
C ALA A 390 7.69 -5.38 -1.11
N ALA A 391 7.65 -4.62 -2.20
CA ALA A 391 7.54 -5.19 -3.54
C ALA A 391 8.83 -5.94 -3.92
N VAL A 392 9.99 -5.35 -3.64
CA VAL A 392 11.26 -6.05 -3.84
C VAL A 392 11.19 -7.43 -3.20
N ILE A 393 10.92 -7.43 -1.90
CA ILE A 393 10.86 -8.66 -1.11
C ILE A 393 9.87 -9.61 -1.73
N LEU A 394 8.68 -9.15 -2.01
CA LEU A 394 7.65 -10.04 -2.52
C LEU A 394 7.96 -10.60 -3.90
N GLY A 395 8.58 -9.80 -4.75
CA GLY A 395 9.03 -10.29 -6.06
C GLY A 395 9.97 -11.47 -5.90
N ILE A 396 11.02 -11.25 -5.13
CA ILE A 396 12.00 -12.28 -4.77
C ILE A 396 11.30 -13.47 -4.14
N LEU A 397 10.43 -13.22 -3.18
CA LEU A 397 9.76 -14.30 -2.47
C LEU A 397 8.97 -15.17 -3.42
N HIS A 398 8.20 -14.51 -4.28
CA HIS A 398 7.30 -15.21 -5.20
C HIS A 398 8.09 -15.89 -6.30
N ASP A 399 9.17 -15.25 -6.74
CA ASP A 399 10.04 -15.82 -7.76
C ASP A 399 10.60 -17.17 -7.30
N ARG A 400 11.08 -17.23 -6.06
CA ARG A 400 11.56 -18.48 -5.49
C ARG A 400 10.38 -19.44 -5.22
N LYS A 401 9.40 -18.96 -4.47
CA LYS A 401 8.22 -19.75 -4.05
C LYS A 401 7.58 -20.48 -5.22
N GLN A 402 7.52 -19.81 -6.37
CA GLN A 402 7.12 -20.43 -7.63
C GLN A 402 8.08 -20.06 -8.75
N LYS A 403 8.90 -21.02 -9.18
CA LYS A 403 9.90 -20.79 -10.22
C LYS A 403 9.21 -20.70 -11.58
N CYS A 404 9.53 -19.65 -12.34
CA CYS A 404 8.87 -19.36 -13.62
C CYS A 404 9.83 -18.87 -14.70
N SER A 405 9.35 -18.92 -15.94
CA SER A 405 10.01 -18.29 -17.08
C SER A 405 10.14 -16.79 -16.80
N MET A 406 8.99 -16.17 -16.55
CA MET A 406 8.89 -14.76 -16.22
C MET A 406 8.56 -14.64 -14.72
N PRO A 407 9.39 -13.93 -13.95
CA PRO A 407 9.13 -13.77 -12.50
C PRO A 407 8.02 -12.75 -12.21
N ARG A 408 7.03 -13.12 -11.40
CA ARG A 408 5.89 -12.24 -11.06
C ARG A 408 4.98 -12.71 -9.91
N ILE A 409 4.36 -11.72 -9.24
CA ILE A 409 3.51 -11.97 -8.08
C ILE A 409 2.10 -12.26 -8.57
N SER A 410 1.56 -13.42 -8.20
CA SER A 410 0.33 -13.94 -8.79
C SER A 410 -0.70 -14.24 -7.72
N LYS A 411 -1.97 -13.91 -8.00
CA LYS A 411 -3.09 -14.19 -7.09
C LYS A 411 -4.28 -14.74 -7.88
N ARG A 412 -4.89 -15.80 -7.35
CA ARG A 412 -6.12 -16.38 -7.89
C ARG A 412 -7.32 -15.67 -7.25
N TYR A 413 -8.37 -15.44 -8.04
CA TYR A 413 -9.64 -14.88 -7.58
C TYR A 413 -10.75 -15.86 -7.96
P AMP B . -13.52 2.75 -2.65
O1P AMP B . -12.01 2.83 -2.50
O2P AMP B . -14.22 1.43 -2.37
O3P AMP B . -14.18 3.92 -1.99
O5' AMP B . -13.85 3.02 -4.20
C5' AMP B . -13.66 2.01 -5.19
C4' AMP B . -14.92 1.72 -6.01
O4' AMP B . -15.00 0.30 -6.16
C3' AMP B . -16.25 2.17 -5.41
O3' AMP B . -17.08 2.68 -6.46
C2' AMP B . -16.81 0.90 -4.78
O2' AMP B . -18.25 0.87 -4.76
C1' AMP B . -16.22 -0.19 -5.65
N9 AMP B . -15.98 -1.43 -4.90
C8 AMP B . -14.90 -1.79 -4.16
N7 AMP B . -15.07 -3.04 -3.63
C5 AMP B . -16.30 -3.46 -4.02
C6 AMP B . -17.18 -4.67 -3.85
N6 AMP B . -16.75 -5.72 -3.11
N1 AMP B . -18.41 -4.69 -4.44
C2 AMP B . -18.88 -3.67 -5.20
N3 AMP B . -18.14 -2.55 -5.41
C4 AMP B . -16.89 -2.40 -4.87
MG MG C . -12.53 5.24 -4.07
#